data_4HG9
#
_entry.id   4HG9
#
_cell.length_a   98.953
_cell.length_b   53.959
_cell.length_c   108.433
_cell.angle_alpha   90.00
_cell.angle_beta   111.48
_cell.angle_gamma   90.00
#
_symmetry.space_group_name_H-M   'C 1 2 1'
#
loop_
_entity.id
_entity.type
_entity.pdbx_description
1 polymer 'Basic phospholipase A2 B'
2 non-polymer 'CALCIUM ION'
3 non-polymer 'CITRIC ACID'
4 non-polymer SN-GLYCEROL-3-PHOSPHATE
5 non-polymer GLYCEROL
6 water water
#
_entity_poly.entity_id   1
_entity_poly.type   'polypeptide(L)'
_entity_poly.pdbx_seq_one_letter_code
;HLLQFRKMIKKMTGKEPVVSYAFYGCYCGSGGRGKPKDATDRCCFVHDCCYEKVTGCDPKWDDYTYSWKDGDIVCGGDDP
CKKEVCECDKAAAICFRDNLKTYKKRYMAYPDILCSSKSEKC
;
_entity_poly.pdbx_strand_id   A,B,C,D
#
loop_
_chem_comp.id
_chem_comp.type
_chem_comp.name
_chem_comp.formula
CA non-polymer 'CALCIUM ION' 'Ca 2'
CIT non-polymer 'CITRIC ACID' 'C6 H8 O7'
G3P non-polymer SN-GLYCEROL-3-PHOSPHATE 'C3 H9 O6 P'
GOL non-polymer GLYCEROL 'C3 H8 O3'
#
# COMPACT_ATOMS: atom_id res chain seq x y z
N HIS A 1 -9.06 13.43 -15.25
CA HIS A 1 -7.88 13.26 -14.39
C HIS A 1 -8.35 12.93 -12.98
N LEU A 2 -7.71 11.97 -12.34
CA LEU A 2 -8.12 11.54 -11.02
C LEU A 2 -8.25 12.67 -9.99
N LEU A 3 -7.46 13.72 -10.14
CA LEU A 3 -7.54 14.81 -9.18
C LEU A 3 -8.69 15.76 -9.48
N GLN A 4 -9.20 15.73 -10.69
CA GLN A 4 -10.49 16.36 -10.99
C GLN A 4 -11.63 15.55 -10.36
N PHE A 5 -11.57 14.24 -10.52
CA PHE A 5 -12.51 13.34 -9.86
C PHE A 5 -12.55 13.59 -8.36
N ARG A 6 -11.38 13.71 -7.75
CA ARG A 6 -11.30 13.99 -6.33
C ARG A 6 -12.13 15.22 -5.97
N LYS A 7 -11.96 16.29 -6.72
CA LYS A 7 -12.70 17.53 -6.45
C LYS A 7 -14.20 17.34 -6.53
N MET A 8 -14.66 16.53 -7.49
CA MET A 8 -16.09 16.23 -7.59
C MET A 8 -16.57 15.50 -6.35
N ILE A 9 -15.83 14.47 -5.93
CA ILE A 9 -16.22 13.71 -4.76
C ILE A 9 -16.26 14.59 -3.51
N LYS A 10 -15.24 15.43 -3.35
CA LYS A 10 -15.14 16.24 -2.16
C LYS A 10 -16.33 17.20 -2.07
N LYS A 11 -16.66 17.85 -3.17
CA LYS A 11 -17.79 18.78 -3.17
C LYS A 11 -19.11 18.08 -2.88
N MET A 12 -19.31 16.90 -3.44
N MET A 12 -19.32 16.91 -3.49
CA MET A 12 -20.60 16.23 -3.31
CA MET A 12 -20.58 16.17 -3.35
C MET A 12 -20.80 15.50 -1.99
C MET A 12 -20.79 15.57 -1.97
N THR A 13 -19.70 15.14 -1.33
CA THR A 13 -19.79 14.41 -0.07
C THR A 13 -19.33 15.18 1.16
N GLY A 14 -18.47 16.19 0.97
CA GLY A 14 -17.84 16.89 2.08
C GLY A 14 -16.71 16.14 2.76
N LYS A 15 -16.33 15.00 2.19
CA LYS A 15 -15.25 14.18 2.76
C LYS A 15 -13.96 14.39 1.98
N GLU A 16 -12.81 14.18 2.63
CA GLU A 16 -11.51 14.17 1.93
C GLU A 16 -11.39 12.82 1.23
N PRO A 17 -11.40 12.81 -0.12
CA PRO A 17 -11.48 11.51 -0.78
C PRO A 17 -10.21 10.68 -0.67
N VAL A 18 -9.07 11.32 -0.50
CA VAL A 18 -7.84 10.55 -0.32
C VAL A 18 -7.92 9.66 0.92
N VAL A 19 -8.58 10.17 1.96
CA VAL A 19 -8.77 9.44 3.19
C VAL A 19 -9.97 8.48 3.11
N SER A 20 -11.11 9.00 2.65
CA SER A 20 -12.35 8.28 2.82
C SER A 20 -12.68 7.31 1.69
N TYR A 21 -12.14 7.54 0.51
CA TYR A 21 -12.50 6.72 -0.65
C TYR A 21 -11.37 5.97 -1.32
N ALA A 22 -10.14 6.44 -1.19
CA ALA A 22 -9.06 5.92 -2.02
C ALA A 22 -8.70 4.46 -1.71
N PHE A 23 -9.12 3.97 -0.55
CA PHE A 23 -8.82 2.59 -0.12
C PHE A 23 -10.07 1.79 0.28
N TYR A 24 -11.24 2.31 -0.05
CA TYR A 24 -12.47 1.75 0.46
C TYR A 24 -12.88 0.45 -0.24
N GLY A 25 -13.28 -0.53 0.55
CA GLY A 25 -13.85 -1.76 0.01
C GLY A 25 -12.90 -2.51 -0.89
N CYS A 26 -13.48 -3.20 -1.88
CA CYS A 26 -12.71 -4.03 -2.81
C CYS A 26 -12.44 -3.32 -4.11
N TYR A 27 -13.19 -2.25 -4.40
CA TYR A 27 -13.10 -1.64 -5.72
C TYR A 27 -12.64 -0.19 -5.74
N CYS A 28 -12.71 0.50 -4.62
CA CYS A 28 -12.27 1.89 -4.65
C CYS A 28 -10.75 1.98 -4.68
N GLY A 29 -10.22 2.86 -5.50
CA GLY A 29 -8.76 2.88 -5.72
C GLY A 29 -8.28 1.61 -6.40
N SER A 30 -7.10 1.13 -6.03
CA SER A 30 -6.53 -0.12 -6.61
C SER A 30 -6.83 -0.36 -8.08
N GLY A 31 -7.19 -1.60 -8.37
CA GLY A 31 -7.89 -1.97 -9.58
C GLY A 31 -9.18 -2.47 -9.00
N GLY A 32 -9.11 -3.70 -8.46
CA GLY A 32 -10.21 -4.30 -7.73
C GLY A 32 -10.61 -5.72 -8.05
N ARG A 33 -11.05 -6.44 -7.04
CA ARG A 33 -11.40 -7.83 -7.22
C ARG A 33 -12.54 -8.22 -6.32
N GLY A 34 -13.26 -9.27 -6.71
CA GLY A 34 -14.23 -9.86 -5.82
C GLY A 34 -15.58 -9.21 -5.98
N LYS A 35 -16.33 -9.21 -4.88
CA LYS A 35 -17.67 -8.67 -4.88
C LYS A 35 -17.61 -7.34 -4.13
N PRO A 36 -18.29 -6.30 -4.65
CA PRO A 36 -18.38 -5.05 -3.89
C PRO A 36 -18.93 -5.31 -2.49
N LYS A 37 -18.34 -4.64 -1.50
CA LYS A 37 -18.70 -4.85 -0.11
C LYS A 37 -20.03 -4.20 0.25
N ASP A 38 -20.38 -3.12 -0.43
CA ASP A 38 -21.59 -2.35 -0.08
C ASP A 38 -21.88 -1.36 -1.20
N ALA A 39 -22.85 -0.47 -0.99
CA ALA A 39 -23.25 0.44 -2.04
C ALA A 39 -22.15 1.41 -2.47
N THR A 40 -21.44 1.99 -1.50
CA THR A 40 -20.29 2.86 -1.81
C THR A 40 -19.25 2.10 -2.65
N ASP A 41 -18.92 0.89 -2.24
CA ASP A 41 -17.96 0.11 -3.01
C ASP A 41 -18.50 -0.19 -4.43
N ARG A 42 -19.80 -0.43 -4.53
CA ARG A 42 -20.41 -0.68 -5.83
C ARG A 42 -20.29 0.53 -6.74
N CYS A 43 -20.30 1.75 -6.17
CA CYS A 43 -20.05 2.98 -6.94
C CYS A 43 -18.72 2.87 -7.66
N CYS A 44 -17.72 2.38 -6.92
CA CYS A 44 -16.37 2.23 -7.47
C CYS A 44 -16.32 1.12 -8.52
N PHE A 45 -17.06 0.05 -8.26
CA PHE A 45 -17.16 -1.05 -9.22
C PHE A 45 -17.72 -0.55 -10.55
N VAL A 46 -18.83 0.18 -10.49
CA VAL A 46 -19.42 0.73 -11.69
C VAL A 46 -18.50 1.73 -12.38
N HIS A 47 -17.79 2.52 -11.58
CA HIS A 47 -16.85 3.50 -12.11
C HIS A 47 -15.75 2.78 -12.89
N ASP A 48 -15.26 1.68 -12.33
CA ASP A 48 -14.25 0.86 -12.99
C ASP A 48 -14.78 0.33 -14.32
N CYS A 49 -16.02 -0.16 -14.31
CA CYS A 49 -16.67 -0.66 -15.54
C CYS A 49 -16.87 0.44 -16.59
N CYS A 50 -17.18 1.65 -16.12
CA CYS A 50 -17.34 2.81 -16.99
C CYS A 50 -16.05 3.15 -17.72
N TYR A 51 -14.95 3.20 -16.97
CA TYR A 51 -13.64 3.47 -17.52
C TYR A 51 -13.24 2.42 -18.56
N GLU A 52 -13.68 1.19 -18.35
CA GLU A 52 -13.34 0.11 -19.25
C GLU A 52 -13.94 0.32 -20.65
N LYS A 53 -15.11 0.95 -20.71
CA LYS A 53 -15.78 1.24 -21.97
C LYS A 53 -15.09 2.38 -22.72
N VAL A 54 -14.23 3.12 -22.03
CA VAL A 54 -13.48 4.21 -22.64
C VAL A 54 -12.25 3.70 -23.38
N THR A 55 -12.11 4.14 -24.63
CA THR A 55 -10.89 3.89 -25.41
C THR A 55 -10.46 5.17 -26.11
N GLY A 56 -9.15 5.37 -26.24
CA GLY A 56 -8.62 6.49 -27.00
C GLY A 56 -8.11 7.66 -26.17
N CYS A 57 -8.43 7.64 -24.89
CA CYS A 57 -7.84 8.60 -23.95
C CYS A 57 -7.53 7.89 -22.66
N ASP A 58 -6.78 8.57 -21.79
CA ASP A 58 -6.33 7.97 -20.56
C ASP A 58 -7.22 8.50 -19.45
N PRO A 59 -8.14 7.66 -18.93
CA PRO A 59 -9.10 8.22 -17.97
C PRO A 59 -8.50 8.65 -16.63
N LYS A 60 -7.34 8.11 -16.24
CA LYS A 60 -6.72 8.48 -14.98
C LYS A 60 -5.94 9.80 -15.08
N TRP A 61 -5.29 10.03 -16.21
CA TRP A 61 -4.28 11.10 -16.32
C TRP A 61 -4.60 12.23 -17.29
N ASP A 62 -5.61 12.06 -18.15
CA ASP A 62 -5.98 13.14 -19.07
C ASP A 62 -6.95 14.10 -18.40
N ASP A 63 -6.65 15.40 -18.47
CA ASP A 63 -7.59 16.43 -18.00
C ASP A 63 -8.78 16.52 -18.94
N TYR A 64 -9.97 16.65 -18.35
CA TYR A 64 -11.15 16.94 -19.14
C TYR A 64 -11.68 18.32 -18.78
N THR A 65 -12.69 18.77 -19.51
CA THR A 65 -13.28 20.08 -19.26
C THR A 65 -14.55 19.90 -18.45
N TYR A 66 -14.62 20.56 -17.30
CA TYR A 66 -15.82 20.52 -16.48
C TYR A 66 -16.01 21.83 -15.74
N SER A 67 -17.22 22.03 -15.26
CA SER A 67 -17.56 23.22 -14.51
C SER A 67 -18.71 22.86 -13.59
N TRP A 68 -19.08 23.79 -12.72
CA TRP A 68 -20.17 23.59 -11.78
C TRP A 68 -21.32 24.55 -12.09
N LYS A 69 -22.54 24.07 -11.99
CA LYS A 69 -23.73 24.92 -12.10
C LYS A 69 -24.74 24.50 -11.04
N ASP A 70 -24.97 25.37 -10.06
CA ASP A 70 -25.89 25.08 -8.95
C ASP A 70 -25.55 23.74 -8.28
N GLY A 71 -24.27 23.47 -8.09
CA GLY A 71 -23.86 22.25 -7.42
C GLY A 71 -23.81 21.00 -8.30
N ASP A 72 -24.28 21.12 -9.54
CA ASP A 72 -24.22 20.04 -10.54
C ASP A 72 -22.97 20.16 -11.38
N ILE A 73 -22.42 19.02 -11.79
CA ILE A 73 -21.24 18.98 -12.65
C ILE A 73 -21.67 19.07 -14.10
N VAL A 74 -21.02 19.95 -14.86
CA VAL A 74 -21.27 20.06 -16.28
C VAL A 74 -20.03 19.60 -17.03
N CYS A 75 -20.13 18.48 -17.73
CA CYS A 75 -19.03 17.99 -18.53
C CYS A 75 -19.04 18.65 -19.90
N GLY A 76 -17.91 19.24 -20.27
CA GLY A 76 -17.83 20.03 -21.49
C GLY A 76 -16.70 19.65 -22.41
N GLY A 77 -16.22 20.62 -23.18
CA GLY A 77 -15.12 20.41 -24.10
C GLY A 77 -15.54 19.82 -25.43
N ASP A 78 -14.64 19.86 -26.40
CA ASP A 78 -14.91 19.37 -27.75
C ASP A 78 -14.24 18.02 -28.05
N ASP A 79 -13.93 17.28 -26.98
CA ASP A 79 -13.31 15.96 -27.09
C ASP A 79 -14.22 14.89 -26.49
N PRO A 80 -14.92 14.14 -27.36
CA PRO A 80 -15.89 13.12 -26.91
C PRO A 80 -15.33 12.10 -25.89
N CYS A 81 -14.10 11.61 -26.12
CA CYS A 81 -13.48 10.64 -25.20
C CYS A 81 -13.33 11.19 -23.79
N LYS A 82 -12.69 12.35 -23.70
CA LYS A 82 -12.47 12.99 -22.40
C LYS A 82 -13.78 13.36 -21.72
N LYS A 83 -14.79 13.71 -22.50
CA LYS A 83 -16.11 14.00 -21.94
C LYS A 83 -16.72 12.74 -21.34
N GLU A 84 -16.50 11.59 -22.01
CA GLU A 84 -16.96 10.29 -21.51
C GLU A 84 -16.34 9.99 -20.13
N VAL A 85 -15.04 10.24 -19.99
CA VAL A 85 -14.36 10.10 -18.70
C VAL A 85 -14.98 11.01 -17.64
N CYS A 86 -15.15 12.28 -17.98
CA CYS A 86 -15.83 13.24 -17.11
C CYS A 86 -17.20 12.72 -16.62
N GLU A 87 -18.00 12.18 -17.54
CA GLU A 87 -19.32 11.65 -17.18
C GLU A 87 -19.24 10.45 -16.23
N CYS A 88 -18.22 9.59 -16.43
CA CYS A 88 -17.97 8.49 -15.48
C CYS A 88 -17.70 9.02 -14.08
N ASP A 89 -16.83 10.03 -14.01
CA ASP A 89 -16.43 10.63 -12.74
C ASP A 89 -17.64 11.31 -12.09
N LYS A 90 -18.39 12.08 -12.86
N LYS A 90 -18.39 12.08 -12.86
CA LYS A 90 -19.60 12.73 -12.37
CA LYS A 90 -19.60 12.73 -12.36
C LYS A 90 -20.58 11.72 -11.77
C LYS A 90 -20.59 11.72 -11.77
N ALA A 91 -20.83 10.63 -12.50
CA ALA A 91 -21.75 9.60 -12.05
C ALA A 91 -21.29 8.95 -10.75
N ALA A 92 -19.98 8.68 -10.63
CA ALA A 92 -19.46 8.10 -9.41
C ALA A 92 -19.59 9.05 -8.22
N ALA A 93 -19.30 10.33 -8.44
CA ALA A 93 -19.41 11.32 -7.36
C ALA A 93 -20.86 11.42 -6.88
N ILE A 94 -21.78 11.43 -7.83
CA ILE A 94 -23.20 11.41 -7.48
C ILE A 94 -23.56 10.14 -6.72
N CYS A 95 -23.03 9.00 -7.15
CA CYS A 95 -23.29 7.74 -6.47
C CYS A 95 -22.76 7.78 -5.03
N PHE A 96 -21.55 8.32 -4.83
CA PHE A 96 -20.99 8.40 -3.48
C PHE A 96 -21.91 9.25 -2.61
N ARG A 97 -22.35 10.36 -3.17
CA ARG A 97 -23.27 11.26 -2.45
C ARG A 97 -24.56 10.52 -2.08
N ASP A 98 -25.13 9.80 -3.04
CA ASP A 98 -26.42 9.15 -2.83
C ASP A 98 -26.32 7.96 -1.90
N ASN A 99 -25.10 7.47 -1.67
CA ASN A 99 -24.92 6.31 -0.80
C ASN A 99 -24.14 6.62 0.46
N LEU A 100 -23.94 7.91 0.73
CA LEU A 100 -23.20 8.30 1.92
C LEU A 100 -23.88 7.77 3.19
N LYS A 101 -25.21 7.66 3.14
CA LYS A 101 -26.01 7.14 4.26
C LYS A 101 -25.62 5.73 4.74
N THR A 102 -24.96 4.96 3.88
CA THR A 102 -24.49 3.62 4.30
C THR A 102 -22.98 3.47 4.33
N TYR A 103 -22.28 4.58 4.18
CA TYR A 103 -20.80 4.56 4.23
C TYR A 103 -20.37 3.94 5.58
N LYS A 104 -19.42 3.00 5.55
CA LYS A 104 -18.92 2.40 6.78
C LYS A 104 -17.43 2.59 6.96
N LYS A 105 -17.02 3.18 8.07
N LYS A 105 -17.03 3.20 8.08
CA LYS A 105 -15.60 3.40 8.36
CA LYS A 105 -15.62 3.40 8.38
C LYS A 105 -14.80 2.11 8.44
C LYS A 105 -14.83 2.09 8.33
N ARG A 106 -15.46 1.01 8.77
CA ARG A 106 -14.75 -0.28 8.84
C ARG A 106 -14.28 -0.78 7.46
N TYR A 107 -14.84 -0.22 6.39
CA TYR A 107 -14.42 -0.56 5.03
C TYR A 107 -13.40 0.41 4.41
N MET A 108 -13.06 1.49 5.12
N MET A 108 -13.07 1.46 5.16
CA MET A 108 -12.27 2.56 4.49
CA MET A 108 -12.27 2.55 4.65
C MET A 108 -10.83 2.16 4.16
C MET A 108 -10.91 2.10 4.11
N ALA A 109 -10.37 1.07 4.74
CA ALA A 109 -9.04 0.54 4.37
C ALA A 109 -9.15 -0.98 4.22
N TYR A 110 -10.22 -1.41 3.57
CA TYR A 110 -10.54 -2.84 3.53
C TYR A 110 -9.41 -3.67 2.91
N PRO A 111 -8.92 -4.69 3.62
CA PRO A 111 -7.76 -5.44 3.10
C PRO A 111 -8.15 -6.18 1.84
N ASP A 112 -7.43 -5.93 0.75
CA ASP A 112 -7.77 -6.53 -0.51
C ASP A 112 -7.65 -8.04 -0.53
N ILE A 113 -6.85 -8.60 0.36
CA ILE A 113 -6.69 -10.05 0.42
C ILE A 113 -7.98 -10.71 0.90
N LEU A 114 -8.83 -9.94 1.59
CA LEU A 114 -10.13 -10.46 2.02
C LEU A 114 -11.24 -10.42 0.97
N CYS A 115 -10.99 -9.75 -0.15
CA CYS A 115 -11.96 -9.76 -1.23
C CYS A 115 -12.08 -11.16 -1.81
N SER A 116 -13.28 -11.48 -2.29
CA SER A 116 -13.51 -12.82 -2.82
C SER A 116 -12.71 -13.05 -4.10
N SER A 117 -12.38 -14.31 -4.39
CA SER A 117 -11.57 -14.60 -5.58
C SER A 117 -12.33 -14.51 -6.89
N LYS A 118 -13.64 -14.66 -6.84
CA LYS A 118 -14.43 -14.54 -8.04
C LYS A 118 -15.00 -13.13 -8.13
N SER A 119 -14.63 -12.44 -9.20
CA SER A 119 -15.07 -11.07 -9.39
C SER A 119 -16.40 -11.02 -10.12
N GLU A 120 -17.21 -10.05 -9.71
CA GLU A 120 -18.43 -9.72 -10.41
C GLU A 120 -18.08 -9.16 -11.79
N LYS A 121 -18.80 -9.62 -12.80
CA LYS A 121 -18.60 -9.15 -14.18
C LYS A 121 -19.38 -7.86 -14.41
N CYS A 122 -18.82 -6.96 -15.22
CA CYS A 122 -19.47 -5.68 -15.55
C CYS A 122 -20.77 -5.91 -16.30
N HIS B 1 15.97 -12.71 13.63
CA HIS B 1 15.60 -12.57 12.21
C HIS B 1 14.08 -12.53 12.12
N LEU B 2 13.57 -11.76 11.17
CA LEU B 2 12.14 -11.69 10.88
C LEU B 2 11.44 -13.05 10.77
N LEU B 3 12.11 -14.03 10.17
CA LEU B 3 11.50 -15.37 10.05
C LEU B 3 11.30 -16.05 11.40
N GLN B 4 12.18 -15.76 12.34
CA GLN B 4 12.06 -16.30 13.68
C GLN B 4 10.94 -15.60 14.43
N PHE B 5 10.89 -14.28 14.30
CA PHE B 5 9.81 -13.51 14.88
C PHE B 5 8.47 -14.05 14.42
N ARG B 6 8.36 -14.31 13.11
CA ARG B 6 7.12 -14.85 12.57
C ARG B 6 6.75 -16.20 13.14
N LYS B 7 7.73 -17.06 13.40
CA LYS B 7 7.42 -18.36 14.01
C LYS B 7 6.86 -18.15 15.41
N MET B 8 7.39 -17.15 16.13
CA MET B 8 6.90 -16.86 17.48
C MET B 8 5.47 -16.35 17.42
N ILE B 9 5.18 -15.49 16.46
CA ILE B 9 3.84 -14.91 16.32
C ILE B 9 2.85 -16.02 16.01
N LYS B 10 3.20 -16.89 15.08
CA LYS B 10 2.30 -18.00 14.72
C LYS B 10 1.98 -18.87 15.94
N LYS B 11 3.02 -19.26 16.67
CA LYS B 11 2.84 -20.15 17.82
C LYS B 11 2.03 -19.48 18.94
N MET B 12 2.28 -18.19 19.19
CA MET B 12 1.61 -17.47 20.27
C MET B 12 0.16 -17.08 19.95
N THR B 13 -0.10 -16.73 18.69
CA THR B 13 -1.41 -16.21 18.30
C THR B 13 -2.28 -17.16 17.50
N GLY B 14 -1.67 -18.14 16.85
CA GLY B 14 -2.39 -18.99 15.91
C GLY B 14 -2.70 -18.37 14.56
N LYS B 15 -2.40 -17.08 14.39
CA LYS B 15 -2.63 -16.40 13.13
C LYS B 15 -1.46 -16.56 12.18
N GLU B 16 -1.72 -16.57 10.89
CA GLU B 16 -0.65 -16.53 9.91
C GLU B 16 -0.04 -15.13 9.95
N PRO B 17 1.22 -15.06 10.31
CA PRO B 17 1.80 -13.79 10.73
C PRO B 17 1.95 -12.79 9.61
N VAL B 18 2.13 -13.21 8.40
CA VAL B 18 2.36 -12.23 7.36
C VAL B 18 1.05 -11.50 7.09
N VAL B 19 0.01 -12.23 6.74
CA VAL B 19 -1.26 -11.62 6.44
C VAL B 19 -1.80 -10.86 7.65
N SER B 20 -1.69 -11.47 8.82
CA SER B 20 -2.38 -10.95 10.00
C SER B 20 -1.65 -9.78 10.64
N TYR B 21 -0.33 -9.73 10.53
CA TYR B 21 0.42 -8.73 11.29
C TYR B 21 1.43 -7.89 10.53
N ALA B 22 1.85 -8.30 9.33
CA ALA B 22 2.95 -7.63 8.65
C ALA B 22 2.58 -6.24 8.14
N PHE B 23 1.27 -5.98 8.05
CA PHE B 23 0.79 -4.74 7.45
C PHE B 23 -0.22 -4.03 8.34
N TYR B 24 -0.26 -4.43 9.61
CA TYR B 24 -1.32 -3.98 10.51
C TYR B 24 -1.11 -2.58 11.04
N GLY B 25 -2.17 -1.77 11.00
CA GLY B 25 -2.13 -0.48 11.67
C GLY B 25 -1.07 0.46 11.15
N CYS B 26 -0.63 1.36 12.03
CA CYS B 26 0.35 2.39 11.66
C CYS B 26 1.79 1.97 11.95
N TYR B 27 1.97 0.92 12.76
CA TYR B 27 3.33 0.52 13.21
C TYR B 27 3.81 -0.88 12.88
N CYS B 28 2.92 -1.80 12.52
CA CYS B 28 3.39 -3.20 12.30
C CYS B 28 4.17 -3.35 11.00
N GLY B 29 3.81 -2.59 9.98
CA GLY B 29 4.54 -2.56 8.71
C GLY B 29 5.84 -1.80 8.88
N SER B 30 6.63 -1.70 7.82
CA SER B 30 7.92 -1.00 7.90
C SER B 30 7.77 0.45 8.41
N GLY B 31 8.59 0.81 9.39
CA GLY B 31 8.56 2.14 9.97
C GLY B 31 7.26 2.40 10.71
N GLY B 32 6.77 3.62 10.63
CA GLY B 32 5.56 3.94 11.34
C GLY B 32 5.51 5.36 11.81
N ARG B 33 4.31 5.91 11.77
CA ARG B 33 4.10 7.27 12.23
C ARG B 33 2.66 7.41 12.72
N GLY B 34 2.41 8.47 13.46
CA GLY B 34 1.08 8.76 13.95
C GLY B 34 0.76 8.02 15.23
N LYS B 35 -0.52 8.00 15.57
CA LYS B 35 -0.98 7.35 16.77
C LYS B 35 -1.30 5.88 16.46
N PRO B 36 -0.80 4.94 17.30
CA PRO B 36 -1.19 3.54 17.09
C PRO B 36 -2.70 3.39 17.04
N LYS B 37 -3.20 2.53 16.16
CA LYS B 37 -4.64 2.42 15.92
C LYS B 37 -5.39 1.74 17.06
N ASP B 38 -4.71 0.83 17.74
CA ASP B 38 -5.28 0.02 18.80
C ASP B 38 -4.16 -0.68 19.58
N ALA B 39 -4.52 -1.60 20.46
CA ALA B 39 -3.56 -2.27 21.31
C ALA B 39 -2.57 -3.09 20.52
N THR B 40 -3.05 -3.81 19.50
CA THR B 40 -2.16 -4.64 18.67
C THR B 40 -1.12 -3.76 17.99
N ASP B 41 -1.58 -2.64 17.45
CA ASP B 41 -0.70 -1.68 16.78
C ASP B 41 0.32 -1.13 17.79
N ARG B 42 -0.13 -0.87 19.02
CA ARG B 42 0.77 -0.42 20.06
C ARG B 42 1.87 -1.45 20.37
N CYS B 43 1.55 -2.73 20.28
CA CYS B 43 2.59 -3.76 20.44
C CYS B 43 3.72 -3.55 19.43
N CYS B 44 3.35 -3.21 18.19
CA CYS B 44 4.32 -2.98 17.13
C CYS B 44 5.11 -1.71 17.38
N PHE B 45 4.43 -0.67 17.89
CA PHE B 45 5.13 0.54 18.28
C PHE B 45 6.21 0.25 19.33
N VAL B 46 5.83 -0.47 20.39
CA VAL B 46 6.79 -0.88 21.43
C VAL B 46 7.92 -1.72 20.83
N HIS B 47 7.56 -2.64 19.94
CA HIS B 47 8.56 -3.51 19.29
C HIS B 47 9.56 -2.67 18.49
N ASP B 48 9.07 -1.69 17.73
CA ASP B 48 9.94 -0.77 17.01
C ASP B 48 10.87 -0.03 17.95
N CYS B 49 10.33 0.48 19.07
CA CYS B 49 11.14 1.16 20.07
C CYS B 49 12.23 0.25 20.64
N CYS B 50 11.86 -1.01 20.87
CA CYS B 50 12.77 -2.03 21.37
C CYS B 50 13.90 -2.26 20.39
N TYR B 51 13.57 -2.37 19.11
CA TYR B 51 14.61 -2.57 18.08
C TYR B 51 15.53 -1.34 17.99
N GLU B 52 14.96 -0.16 18.18
CA GLU B 52 15.75 1.08 18.11
C GLU B 52 16.88 1.10 19.14
N LYS B 53 16.64 0.45 20.29
CA LYS B 53 17.64 0.41 21.37
C LYS B 53 18.78 -0.57 21.07
N VAL B 54 18.53 -1.54 20.19
CA VAL B 54 19.55 -2.52 19.81
C VAL B 54 20.57 -1.89 18.88
N THR B 55 21.82 -1.86 19.34
CA THR B 55 22.90 -1.39 18.50
C THR B 55 23.93 -2.50 18.37
N GLY B 56 24.51 -2.66 17.20
CA GLY B 56 25.62 -3.58 17.05
C GLY B 56 25.25 -4.89 16.41
N CYS B 57 23.95 -5.09 16.16
CA CYS B 57 23.47 -6.15 15.29
C CYS B 57 22.25 -5.65 14.54
N ASP B 58 21.83 -6.38 13.52
CA ASP B 58 20.68 -5.97 12.70
C ASP B 58 19.46 -6.76 13.18
N PRO B 59 18.49 -6.07 13.82
CA PRO B 59 17.40 -6.83 14.42
C PRO B 59 16.46 -7.49 13.41
N LYS B 60 16.42 -6.99 12.18
CA LYS B 60 15.54 -7.56 11.18
C LYS B 60 16.17 -8.78 10.51
N TRP B 61 17.49 -8.74 10.34
CA TRP B 61 18.15 -9.70 9.46
C TRP B 61 19.14 -10.64 10.12
N ASP B 62 19.40 -10.49 11.43
CA ASP B 62 20.35 -11.39 12.10
C ASP B 62 19.63 -12.52 12.82
N ASP B 63 20.07 -13.75 12.56
CA ASP B 63 19.53 -14.90 13.29
C ASP B 63 19.99 -14.87 14.73
N TYR B 64 19.07 -15.17 15.65
CA TYR B 64 19.43 -15.38 17.04
C TYR B 64 19.16 -16.83 17.47
N THR B 65 19.53 -17.15 18.70
CA THR B 65 19.36 -18.49 19.23
C THR B 65 18.15 -18.49 20.15
N TYR B 66 17.20 -19.38 19.90
CA TYR B 66 16.04 -19.49 20.79
C TYR B 66 15.49 -20.91 20.74
N SER B 67 14.67 -21.23 21.73
CA SER B 67 14.07 -22.53 21.81
C SER B 67 12.76 -22.37 22.53
N TRP B 68 12.00 -23.45 22.55
CA TRP B 68 10.74 -23.48 23.26
C TRP B 68 10.89 -24.36 24.48
N LYS B 69 10.40 -23.87 25.61
CA LYS B 69 10.42 -24.63 26.85
C LYS B 69 9.05 -24.52 27.50
N ASP B 70 8.29 -25.62 27.47
CA ASP B 70 6.96 -25.65 28.07
C ASP B 70 6.08 -24.54 27.50
N GLY B 71 6.13 -24.36 26.19
CA GLY B 71 5.29 -23.37 25.50
C GLY B 71 5.81 -21.94 25.56
N ASP B 72 6.85 -21.72 26.34
CA ASP B 72 7.47 -20.40 26.48
C ASP B 72 8.71 -20.28 25.60
N ILE B 73 8.89 -19.09 25.03
CA ILE B 73 10.07 -18.78 24.26
C ILE B 73 11.25 -18.51 25.19
N VAL B 74 12.37 -19.18 24.92
CA VAL B 74 13.59 -18.99 25.68
C VAL B 74 14.65 -18.45 24.74
N CYS B 75 15.13 -17.25 25.04
CA CYS B 75 16.15 -16.60 24.25
C CYS B 75 17.51 -16.99 24.81
N GLY B 76 18.39 -17.46 23.94
CA GLY B 76 19.70 -17.98 24.37
C GLY B 76 20.85 -17.39 23.59
N GLY B 77 21.92 -18.17 23.48
CA GLY B 77 23.13 -17.77 22.78
C GLY B 77 24.07 -16.94 23.62
N ASP B 78 25.31 -16.78 23.14
CA ASP B 78 26.35 -16.05 23.87
C ASP B 78 26.58 -14.65 23.31
N ASP B 79 25.67 -14.20 22.45
CA ASP B 79 25.76 -12.91 21.80
C ASP B 79 24.68 -12.01 22.39
N PRO B 80 25.08 -11.05 23.25
CA PRO B 80 24.14 -10.18 23.96
C PRO B 80 23.20 -9.38 23.05
N CYS B 81 23.71 -8.85 21.95
CA CYS B 81 22.89 -8.07 21.01
C CYS B 81 21.78 -8.93 20.41
N LYS B 82 22.15 -10.09 19.89
CA LYS B 82 21.21 -11.00 19.28
C LYS B 82 20.17 -11.46 20.30
N LYS B 83 20.60 -11.68 21.53
CA LYS B 83 19.65 -12.01 22.60
C LYS B 83 18.66 -10.87 22.89
N GLU B 84 19.13 -9.62 22.86
CA GLU B 84 18.22 -8.47 22.97
C GLU B 84 17.17 -8.47 21.88
N VAL B 85 17.57 -8.75 20.64
CA VAL B 85 16.60 -8.84 19.54
C VAL B 85 15.57 -9.94 19.83
N CYS B 86 16.05 -11.12 20.22
CA CYS B 86 15.16 -12.23 20.56
C CYS B 86 14.13 -11.82 21.63
N GLU B 87 14.60 -11.11 22.65
CA GLU B 87 13.72 -10.65 23.73
C GLU B 87 12.65 -9.69 23.23
N CYS B 88 13.03 -8.81 22.30
CA CYS B 88 12.06 -7.86 21.69
C CYS B 88 10.96 -8.64 20.97
N ASP B 89 11.39 -9.64 20.21
CA ASP B 89 10.47 -10.44 19.41
C ASP B 89 9.54 -11.25 20.30
N LYS B 90 10.11 -11.89 21.31
CA LYS B 90 9.33 -12.62 22.30
C LYS B 90 8.26 -11.71 22.93
N ALA B 91 8.68 -10.54 23.38
CA ALA B 91 7.74 -9.59 24.02
C ALA B 91 6.62 -9.21 23.06
N ALA B 92 6.95 -8.97 21.80
CA ALA B 92 5.91 -8.56 20.85
C ALA B 92 4.93 -9.68 20.58
N ALA B 93 5.42 -10.90 20.41
CA ALA B 93 4.53 -12.03 20.16
C ALA B 93 3.58 -12.24 21.33
N ILE B 94 4.09 -12.11 22.55
CA ILE B 94 3.30 -12.24 23.77
C ILE B 94 2.27 -11.13 23.80
N CYS B 95 2.72 -9.91 23.46
CA CYS B 95 1.81 -8.74 23.39
C CYS B 95 0.66 -8.98 22.39
N PHE B 96 0.98 -9.52 21.21
CA PHE B 96 -0.06 -9.81 20.22
C PHE B 96 -1.08 -10.77 20.83
N ARG B 97 -0.59 -11.84 21.46
CA ARG B 97 -1.47 -12.82 22.08
C ARG B 97 -2.39 -12.16 23.12
N ASP B 98 -1.78 -11.32 23.95
CA ASP B 98 -2.50 -10.67 25.03
C ASP B 98 -3.56 -9.72 24.51
N ASN B 99 -3.43 -9.27 23.28
CA ASN B 99 -4.40 -8.33 22.71
C ASN B 99 -5.27 -8.86 21.59
N LEU B 100 -5.34 -10.19 21.48
CA LEU B 100 -6.17 -10.79 20.44
C LEU B 100 -7.63 -10.36 20.54
N LYS B 101 -8.08 -10.05 21.76
CA LYS B 101 -9.49 -9.69 21.99
C LYS B 101 -9.90 -8.46 21.19
N THR B 102 -8.98 -7.54 20.96
CA THR B 102 -9.32 -6.31 20.22
C THR B 102 -8.74 -6.25 18.81
N TYR B 103 -8.04 -7.29 18.40
CA TYR B 103 -7.56 -7.37 17.03
C TYR B 103 -8.73 -7.19 16.05
N LYS B 104 -8.54 -6.32 15.06
CA LYS B 104 -9.58 -6.06 14.07
C LYS B 104 -9.06 -6.12 12.64
N LYS B 105 -9.72 -6.91 11.80
CA LYS B 105 -9.32 -7.04 10.41
C LYS B 105 -9.41 -5.70 9.66
N ARG B 106 -10.21 -4.75 10.15
CA ARG B 106 -10.27 -3.45 9.51
C ARG B 106 -8.90 -2.74 9.43
N TYR B 107 -7.96 -3.12 10.30
CA TYR B 107 -6.64 -2.49 10.34
C TYR B 107 -5.54 -3.37 9.75
N MET B 108 -5.94 -4.52 9.20
CA MET B 108 -4.98 -5.54 8.77
C MET B 108 -4.09 -5.12 7.58
N ALA B 109 -4.54 -4.13 6.80
CA ALA B 109 -3.72 -3.67 5.67
C ALA B 109 -3.85 -2.18 5.56
N TYR B 110 -3.33 -1.50 6.58
CA TYR B 110 -3.68 -0.10 6.79
C TYR B 110 -2.67 0.81 6.12
N PRO B 111 -3.12 1.63 5.16
CA PRO B 111 -2.16 2.48 4.43
C PRO B 111 -1.64 3.59 5.31
N ASP B 112 -0.35 3.86 5.24
CA ASP B 112 0.23 4.82 6.16
C ASP B 112 -0.25 6.24 5.96
N ILE B 113 -0.80 6.55 4.78
CA ILE B 113 -1.34 7.91 4.55
C ILE B 113 -2.54 8.19 5.48
N LEU B 114 -3.14 7.13 6.00
CA LEU B 114 -4.30 7.26 6.87
C LEU B 114 -3.90 7.47 8.33
N CYS B 115 -2.60 7.40 8.60
CA CYS B 115 -2.08 7.59 9.95
C CYS B 115 -1.95 9.08 10.24
N SER B 116 -1.92 9.43 11.51
CA SER B 116 -1.81 10.84 11.85
C SER B 116 -0.36 11.33 11.73
N SER B 117 -0.15 12.64 11.79
CA SER B 117 1.18 13.19 11.56
C SER B 117 2.01 13.31 12.82
N LYS B 118 1.34 13.41 13.96
CA LYS B 118 2.07 13.50 15.21
C LYS B 118 2.35 12.09 15.72
N SER B 119 3.58 11.65 15.53
CA SER B 119 3.98 10.32 15.94
C SER B 119 4.23 10.28 17.43
N GLU B 120 3.79 9.21 18.06
CA GLU B 120 4.05 9.00 19.48
C GLU B 120 5.55 8.75 19.71
N LYS B 121 6.06 9.23 20.84
CA LYS B 121 7.47 9.05 21.17
C LYS B 121 7.71 7.84 22.05
N CYS B 122 8.81 7.13 21.76
CA CYS B 122 9.21 5.96 22.53
C CYS B 122 9.33 6.27 24.03
N HIS C 1 -2.08 21.50 3.08
CA HIS C 1 -2.70 20.24 2.60
C HIS C 1 -1.75 19.60 1.60
N LEU C 2 -1.65 18.28 1.64
CA LEU C 2 -0.73 17.57 0.73
C LEU C 2 -0.93 17.89 -0.73
N LEU C 3 -2.15 18.23 -1.14
CA LEU C 3 -2.37 18.52 -2.56
C LEU C 3 -1.96 19.94 -2.94
N GLN C 4 -1.81 20.82 -1.94
CA GLN C 4 -1.15 22.09 -2.14
C GLN C 4 0.35 21.85 -2.31
N PHE C 5 0.90 20.99 -1.47
CA PHE C 5 2.30 20.57 -1.59
C PHE C 5 2.54 20.03 -2.99
N ARG C 6 1.64 19.18 -3.49
CA ARG C 6 1.75 18.69 -4.85
C ARG C 6 1.92 19.81 -5.86
N LYS C 7 1.10 20.86 -5.75
CA LYS C 7 1.18 21.95 -6.71
C LYS C 7 2.53 22.64 -6.67
N MET C 8 3.09 22.79 -5.47
CA MET C 8 4.43 23.36 -5.31
C MET C 8 5.48 22.50 -6.00
N ILE C 9 5.42 21.20 -5.74
CA ILE C 9 6.44 20.28 -6.29
C ILE C 9 6.35 20.29 -7.81
N LYS C 10 5.12 20.27 -8.31
CA LYS C 10 4.86 20.20 -9.74
C LYS C 10 5.45 21.39 -10.48
N LYS C 11 5.23 22.58 -9.95
CA LYS C 11 5.72 23.81 -10.57
C LYS C 11 7.25 23.93 -10.46
N MET C 12 7.80 23.54 -9.32
CA MET C 12 9.25 23.66 -9.10
C MET C 12 10.09 22.63 -9.85
N THR C 13 9.59 21.41 -9.96
CA THR C 13 10.40 20.32 -10.55
C THR C 13 10.00 19.98 -11.99
N GLY C 14 8.76 20.32 -12.35
CA GLY C 14 8.20 19.95 -13.64
C GLY C 14 7.87 18.48 -13.75
N LYS C 15 7.87 17.78 -12.62
CA LYS C 15 7.48 16.37 -12.59
C LYS C 15 6.04 16.26 -12.10
N GLU C 16 5.39 15.15 -12.40
CA GLU C 16 4.12 14.81 -11.75
C GLU C 16 4.43 14.15 -10.42
N PRO C 17 4.13 14.84 -9.31
CA PRO C 17 4.54 14.37 -7.99
C PRO C 17 3.92 13.04 -7.57
N VAL C 18 2.69 12.75 -8.01
CA VAL C 18 2.07 11.48 -7.65
C VAL C 18 2.92 10.31 -8.18
N VAL C 19 3.52 10.51 -9.36
CA VAL C 19 4.41 9.50 -9.99
C VAL C 19 5.83 9.53 -9.44
N SER C 20 6.40 10.74 -9.42
CA SER C 20 7.83 10.90 -9.25
C SER C 20 8.30 11.00 -7.81
N TYR C 21 7.40 11.42 -6.91
CA TYR C 21 7.79 11.68 -5.53
C TYR C 21 7.03 10.88 -4.47
N ALA C 22 5.77 10.51 -4.73
CA ALA C 22 4.93 9.92 -3.69
C ALA C 22 5.38 8.55 -3.18
N PHE C 23 6.27 7.91 -3.93
CA PHE C 23 6.76 6.57 -3.57
C PHE C 23 8.26 6.48 -3.57
N TYR C 24 8.93 7.64 -3.56
CA TYR C 24 10.38 7.70 -3.77
C TYR C 24 11.17 7.34 -2.53
N GLY C 25 12.14 6.43 -2.70
CA GLY C 25 13.08 6.16 -1.63
C GLY C 25 12.46 5.60 -0.38
N CYS C 26 13.10 5.87 0.76
CA CYS C 26 12.62 5.40 2.05
C CYS C 26 11.75 6.38 2.81
N TYR C 27 11.79 7.63 2.40
CA TYR C 27 11.08 8.66 3.16
C TYR C 27 10.00 9.42 2.43
N CYS C 28 9.97 9.36 1.12
CA CYS C 28 8.93 10.11 0.43
C CYS C 28 7.59 9.40 0.57
N GLY C 29 6.52 10.17 0.67
CA GLY C 29 5.24 9.56 0.97
C GLY C 29 5.32 8.57 2.11
N SER C 30 4.43 7.59 2.10
CA SER C 30 4.43 6.53 3.11
C SER C 30 4.62 7.08 4.51
N GLY C 31 5.28 6.31 5.35
CA GLY C 31 5.82 6.86 6.57
C GLY C 31 7.28 7.09 6.29
N GLY C 32 8.11 6.16 6.72
CA GLY C 32 9.52 6.26 6.43
C GLY C 32 10.28 5.50 7.46
N ARG C 33 11.40 4.92 7.03
CA ARG C 33 12.27 4.14 7.90
C ARG C 33 13.65 4.03 7.27
N GLY C 34 14.64 3.79 8.11
CA GLY C 34 15.99 3.58 7.61
C GLY C 34 16.72 4.87 7.31
N LYS C 35 17.60 4.81 6.33
CA LYS C 35 18.42 5.96 5.96
C LYS C 35 17.91 6.48 4.63
N PRO C 36 17.79 7.81 4.49
CA PRO C 36 17.47 8.33 3.16
C PRO C 36 18.44 7.75 2.13
N LYS C 37 17.92 7.45 0.95
CA LYS C 37 18.71 6.80 -0.11
C LYS C 37 19.60 7.78 -0.87
N ASP C 38 19.17 9.04 -0.93
CA ASP C 38 19.88 10.07 -1.68
C ASP C 38 19.38 11.45 -1.25
N ALA C 39 19.79 12.50 -1.96
CA ALA C 39 19.46 13.86 -1.55
C ALA C 39 17.97 14.11 -1.67
N THR C 40 17.35 13.59 -2.72
CA THR C 40 15.90 13.73 -2.89
C THR C 40 15.16 13.09 -1.72
N ASP C 41 15.57 11.88 -1.37
CA ASP C 41 14.98 11.16 -0.24
C ASP C 41 15.18 11.95 1.04
N ARG C 42 16.36 12.55 1.19
CA ARG C 42 16.65 13.31 2.40
C ARG C 42 15.74 14.54 2.50
N CYS C 43 15.38 15.13 1.37
CA CYS C 43 14.38 16.21 1.38
C CYS C 43 13.10 15.75 2.07
N CYS C 44 12.68 14.52 1.77
CA CYS C 44 11.47 13.94 2.34
C CYS C 44 11.67 13.63 3.82
N PHE C 45 12.87 13.19 4.18
CA PHE C 45 13.19 12.95 5.59
C PHE C 45 13.04 14.27 6.37
N VAL C 46 13.68 15.32 5.87
CA VAL C 46 13.57 16.65 6.50
C VAL C 46 12.10 17.09 6.57
N HIS C 47 11.36 16.90 5.49
CA HIS C 47 9.93 17.26 5.44
C HIS C 47 9.11 16.51 6.52
N ASP C 48 9.35 15.20 6.66
CA ASP C 48 8.70 14.40 7.71
C ASP C 48 8.99 14.94 9.10
N CYS C 49 10.24 15.30 9.36
CA CYS C 49 10.65 15.83 10.65
C CYS C 49 9.94 17.17 10.89
N CYS C 50 9.79 17.94 9.82
CA CYS C 50 9.13 19.25 9.89
C CYS C 50 7.66 19.06 10.28
N TYR C 51 6.97 18.10 9.66
CA TYR C 51 5.57 17.85 10.00
C TYR C 51 5.43 17.38 11.43
N GLU C 52 6.37 16.59 11.91
CA GLU C 52 6.35 16.11 13.28
C GLU C 52 6.40 17.21 14.33
N LYS C 53 7.06 18.33 14.01
CA LYS C 53 7.23 19.44 14.93
C LYS C 53 5.97 20.31 15.01
N VAL C 54 5.13 20.23 13.98
CA VAL C 54 3.91 21.02 13.90
C VAL C 54 2.95 20.62 15.02
N THR C 55 2.48 21.60 15.78
CA THR C 55 1.49 21.38 16.83
C THR C 55 0.38 22.41 16.69
N GLY C 56 -0.86 21.94 16.69
CA GLY C 56 -2.02 22.81 16.69
C GLY C 56 -2.83 22.77 15.41
N CYS C 57 -2.33 22.10 14.39
CA CYS C 57 -3.04 21.91 13.14
C CYS C 57 -2.55 20.61 12.48
N ASP C 58 -3.25 20.20 11.43
CA ASP C 58 -2.98 18.93 10.75
C ASP C 58 -2.21 19.21 9.47
N PRO C 59 -0.91 18.86 9.46
CA PRO C 59 -0.14 19.29 8.30
C PRO C 59 -0.48 18.55 7.01
N LYS C 60 -1.05 17.34 7.10
CA LYS C 60 -1.47 16.66 5.87
C LYS C 60 -2.73 17.25 5.25
N TRP C 61 -3.69 17.64 6.10
CA TRP C 61 -5.07 17.81 5.62
C TRP C 61 -5.61 19.22 5.79
N ASP C 62 -4.92 20.04 6.56
CA ASP C 62 -5.39 21.44 6.72
C ASP C 62 -4.86 22.31 5.59
N ASP C 63 -5.72 23.14 5.01
CA ASP C 63 -5.32 24.09 3.96
C ASP C 63 -4.61 25.29 4.54
N TYR C 64 -3.58 25.73 3.83
CA TYR C 64 -2.93 26.99 4.17
C TYR C 64 -3.10 27.98 3.01
N THR C 65 -2.67 29.21 3.23
CA THR C 65 -2.74 30.25 2.24
C THR C 65 -1.35 30.52 1.70
N TYR C 66 -1.20 30.52 0.38
CA TYR C 66 0.10 30.78 -0.24
C TYR C 66 -0.08 31.38 -1.61
N SER C 67 0.99 31.97 -2.13
CA SER C 67 1.00 32.50 -3.49
C SER C 67 2.36 32.30 -4.10
N TRP C 68 2.53 32.74 -5.33
CA TRP C 68 3.82 32.69 -6.03
C TRP C 68 4.26 34.12 -6.34
N LYS C 69 5.56 34.37 -6.24
CA LYS C 69 6.12 35.63 -6.74
C LYS C 69 7.42 35.30 -7.43
N ASP C 70 7.45 35.59 -8.73
CA ASP C 70 8.65 35.43 -9.55
C ASP C 70 9.23 34.02 -9.46
N GLY C 71 8.36 33.01 -9.37
CA GLY C 71 8.79 31.63 -9.29
C GLY C 71 9.09 31.11 -7.88
N ASP C 72 9.05 31.99 -6.89
CA ASP C 72 9.20 31.55 -5.50
C ASP C 72 7.85 31.45 -4.81
N ILE C 73 7.77 30.53 -3.85
CA ILE C 73 6.57 30.34 -3.03
C ILE C 73 6.58 31.34 -1.88
N VAL C 74 5.42 31.98 -1.67
CA VAL C 74 5.26 32.94 -0.59
C VAL C 74 4.14 32.46 0.37
N CYS C 75 4.50 32.05 1.57
CA CYS C 75 3.53 31.55 2.53
C CYS C 75 2.83 32.72 3.19
N GLY C 76 1.50 32.70 3.13
CA GLY C 76 0.67 33.81 3.65
C GLY C 76 -0.26 33.42 4.78
N GLY C 77 -1.39 34.14 4.86
CA GLY C 77 -2.32 33.95 5.97
C GLY C 77 -1.81 34.58 7.25
N ASP C 78 -2.64 34.55 8.29
CA ASP C 78 -2.19 35.03 9.59
C ASP C 78 -2.32 33.98 10.70
N ASP C 79 -2.26 32.71 10.30
CA ASP C 79 -2.38 31.59 11.23
C ASP C 79 -0.99 30.99 11.31
N PRO C 80 -0.33 31.08 12.48
CA PRO C 80 1.06 30.65 12.59
C PRO C 80 1.24 29.16 12.31
N CYS C 81 0.29 28.34 12.75
CA CYS C 81 0.43 26.88 12.52
C CYS C 81 0.38 26.54 11.05
N LYS C 82 -0.62 27.07 10.37
CA LYS C 82 -0.77 26.81 8.95
C LYS C 82 0.43 27.34 8.18
N LYS C 83 0.94 28.51 8.56
CA LYS C 83 2.14 29.04 7.92
C LYS C 83 3.34 28.09 8.09
N GLU C 84 3.49 27.51 9.28
CA GLU C 84 4.58 26.57 9.53
C GLU C 84 4.46 25.41 8.55
N VAL C 85 3.25 24.93 8.33
CA VAL C 85 3.05 23.80 7.40
C VAL C 85 3.45 24.20 5.98
N CYS C 86 2.99 25.39 5.57
CA CYS C 86 3.30 25.91 4.28
C CYS C 86 4.81 26.02 4.10
N GLU C 87 5.51 26.51 5.13
CA GLU C 87 6.96 26.64 5.06
C GLU C 87 7.65 25.27 4.96
N CYS C 88 7.11 24.22 5.60
CA CYS C 88 7.66 22.86 5.43
C CYS C 88 7.57 22.43 3.95
N ASP C 89 6.37 22.63 3.38
CA ASP C 89 6.10 22.24 2.00
C ASP C 89 6.96 22.99 1.00
N LYS C 90 7.06 24.31 1.19
N LYS C 90 7.05 24.31 1.19
CA LYS C 90 7.89 25.14 0.34
CA LYS C 90 7.88 25.16 0.36
C LYS C 90 9.33 24.66 0.36
C LYS C 90 9.33 24.67 0.37
N ALA C 91 9.86 24.42 1.57
CA ALA C 91 11.27 24.03 1.70
C ALA C 91 11.53 22.72 0.97
N ALA C 92 10.58 21.78 1.07
CA ALA C 92 10.74 20.49 0.39
C ALA C 92 10.66 20.62 -1.13
N ALA C 93 9.74 21.45 -1.61
CA ALA C 93 9.62 21.66 -3.07
C ALA C 93 10.91 22.26 -3.62
N ILE C 94 11.48 23.23 -2.90
CA ILE C 94 12.75 23.82 -3.27
C ILE C 94 13.87 22.77 -3.24
N CYS C 95 13.90 21.97 -2.18
CA CYS C 95 14.90 20.92 -2.01
C CYS C 95 14.85 19.91 -3.15
N PHE C 96 13.64 19.54 -3.57
CA PHE C 96 13.49 18.64 -4.71
C PHE C 96 14.09 19.29 -5.96
N ARG C 97 13.74 20.56 -6.19
CA ARG C 97 14.24 21.26 -7.36
C ARG C 97 15.76 21.33 -7.36
N ASP C 98 16.34 21.57 -6.18
CA ASP C 98 17.78 21.80 -6.07
C ASP C 98 18.54 20.50 -6.21
N ASN C 99 17.82 19.38 -6.05
CA ASN C 99 18.46 18.08 -6.17
C ASN C 99 18.05 17.27 -7.38
N LEU C 100 17.46 17.93 -8.37
CA LEU C 100 17.01 17.26 -9.59
C LEU C 100 18.12 16.50 -10.31
N LYS C 101 19.35 17.00 -10.19
CA LYS C 101 20.49 16.42 -10.88
C LYS C 101 20.85 15.02 -10.36
N THR C 102 20.43 14.69 -9.15
CA THR C 102 20.69 13.34 -8.61
C THR C 102 19.44 12.50 -8.41
N TYR C 103 18.29 13.02 -8.86
CA TYR C 103 17.07 12.23 -8.87
C TYR C 103 17.35 10.95 -9.64
N LYS C 104 17.05 9.80 -9.02
CA LYS C 104 17.30 8.50 -9.63
C LYS C 104 16.00 7.75 -9.81
N LYS C 105 15.68 7.41 -11.05
CA LYS C 105 14.48 6.62 -11.33
C LYS C 105 14.50 5.26 -10.62
N ARG C 106 15.69 4.76 -10.29
CA ARG C 106 15.80 3.48 -9.56
C ARG C 106 15.18 3.53 -8.15
N TYR C 107 14.96 4.74 -7.64
CA TYR C 107 14.38 4.91 -6.31
C TYR C 107 12.89 5.31 -6.32
N MET C 108 12.30 5.53 -7.50
CA MET C 108 10.96 6.15 -7.54
C MET C 108 9.79 5.30 -7.03
N ALA C 109 9.98 3.99 -6.93
CA ALA C 109 8.99 3.11 -6.29
C ALA C 109 9.73 2.12 -5.39
N TYR C 110 10.58 2.68 -4.53
CA TYR C 110 11.53 1.91 -3.75
C TYR C 110 10.83 1.00 -2.73
N PRO C 111 11.13 -0.31 -2.78
CA PRO C 111 10.51 -1.24 -1.84
C PRO C 111 10.97 -0.99 -0.41
N ASP C 112 10.00 -0.82 0.48
CA ASP C 112 10.28 -0.50 1.88
C ASP C 112 11.11 -1.56 2.61
N ILE C 113 10.99 -2.82 2.21
CA ILE C 113 11.79 -3.89 2.80
C ILE C 113 13.30 -3.69 2.61
N LEU C 114 13.67 -2.94 1.57
CA LEU C 114 15.07 -2.74 1.25
C LEU C 114 15.70 -1.62 2.10
N CYS C 115 14.86 -0.82 2.75
CA CYS C 115 15.37 0.24 3.63
C CYS C 115 16.07 -0.35 4.85
N SER C 116 17.03 0.38 5.41
CA SER C 116 17.83 -0.15 6.51
C SER C 116 17.02 -0.28 7.80
N SER C 117 17.45 -1.20 8.65
CA SER C 117 16.75 -1.52 9.89
C SER C 117 16.84 -0.40 10.90
N LYS C 118 17.95 0.35 10.88
CA LYS C 118 18.12 1.49 11.78
C LYS C 118 17.75 2.78 11.09
N SER C 119 16.85 3.54 11.72
CA SER C 119 16.38 4.80 11.17
C SER C 119 17.19 5.97 11.68
N GLU C 120 17.52 6.90 10.79
CA GLU C 120 18.11 8.16 11.19
C GLU C 120 17.06 8.93 11.97
N LYS C 121 17.47 9.56 13.07
CA LYS C 121 16.55 10.34 13.90
C LYS C 121 16.51 11.82 13.50
N CYS C 122 15.36 12.45 13.71
CA CYS C 122 15.21 13.88 13.44
C CYS C 122 16.13 14.73 14.30
N HIS D 1 -4.26 -23.20 -1.09
CA HIS D 1 -4.23 -22.06 -0.11
C HIS D 1 -3.01 -21.20 -0.42
N LEU D 2 -3.13 -19.89 -0.26
CA LEU D 2 -2.01 -18.99 -0.55
C LEU D 2 -0.70 -19.35 0.19
N LEU D 3 -0.79 -19.92 1.39
CA LEU D 3 0.43 -20.35 2.11
C LEU D 3 1.14 -21.48 1.37
N GLN D 4 0.37 -22.32 0.69
CA GLN D 4 0.98 -23.40 -0.10
C GLN D 4 1.63 -22.81 -1.34
N PHE D 5 0.95 -21.87 -1.99
CA PHE D 5 1.53 -21.14 -3.10
C PHE D 5 2.84 -20.51 -2.69
N ARG D 6 2.87 -19.90 -1.51
CA ARG D 6 4.06 -19.24 -1.00
C ARG D 6 5.22 -20.24 -0.86
N LYS D 7 4.93 -21.42 -0.35
CA LYS D 7 5.98 -22.44 -0.24
C LYS D 7 6.51 -22.84 -1.62
N MET D 8 5.61 -23.00 -2.59
CA MET D 8 6.01 -23.34 -3.94
C MET D 8 6.91 -22.26 -4.52
N ILE D 9 6.56 -21.00 -4.32
CA ILE D 9 7.36 -19.91 -4.87
C ILE D 9 8.75 -19.91 -4.25
N LYS D 10 8.82 -20.09 -2.93
CA LYS D 10 10.09 -20.05 -2.24
C LYS D 10 11.00 -21.14 -2.77
N LYS D 11 10.44 -22.35 -2.91
CA LYS D 11 11.22 -23.51 -3.35
C LYS D 11 11.64 -23.45 -4.81
N MET D 12 10.83 -22.82 -5.66
CA MET D 12 11.12 -22.72 -7.09
C MET D 12 12.07 -21.58 -7.44
N THR D 13 12.03 -20.50 -6.66
CA THR D 13 12.76 -19.28 -7.01
C THR D 13 13.94 -18.91 -6.10
N GLY D 14 13.96 -19.47 -4.89
CA GLY D 14 14.92 -19.05 -3.87
C GLY D 14 14.61 -17.71 -3.24
N LYS D 15 13.50 -17.07 -3.65
CA LYS D 15 13.13 -15.74 -3.14
C LYS D 15 12.09 -15.82 -2.03
N GLU D 16 12.16 -14.90 -1.07
CA GLU D 16 11.15 -14.79 -0.04
C GLU D 16 9.88 -14.25 -0.72
N PRO D 17 8.83 -15.09 -0.82
CA PRO D 17 7.70 -14.81 -1.71
C PRO D 17 6.93 -13.54 -1.37
N VAL D 18 6.86 -13.23 -0.08
CA VAL D 18 6.11 -12.07 0.39
C VAL D 18 6.83 -10.79 -0.08
N VAL D 19 8.11 -10.68 0.26
CA VAL D 19 8.96 -9.56 -0.15
C VAL D 19 9.03 -9.43 -1.68
N SER D 20 9.23 -10.57 -2.35
CA SER D 20 9.59 -10.54 -3.76
C SER D 20 8.45 -10.56 -4.76
N TYR D 21 7.30 -11.13 -4.38
CA TYR D 21 6.23 -11.23 -5.36
C TYR D 21 4.88 -10.63 -4.97
N ALA D 22 4.67 -10.41 -3.68
CA ALA D 22 3.35 -10.00 -3.21
C ALA D 22 2.88 -8.61 -3.70
N PHE D 23 3.82 -7.79 -4.16
CA PHE D 23 3.54 -6.42 -4.58
C PHE D 23 4.14 -6.09 -5.93
N TYR D 24 4.55 -7.13 -6.64
CA TYR D 24 5.27 -6.95 -7.87
C TYR D 24 4.38 -6.50 -9.02
N GLY D 25 4.80 -5.47 -9.73
CA GLY D 25 4.11 -5.06 -10.95
C GLY D 25 2.67 -4.67 -10.71
N CYS D 26 1.83 -4.95 -11.70
CA CYS D 26 0.43 -4.55 -11.64
C CYS D 26 -0.52 -5.67 -11.23
N TYR D 27 -0.05 -6.92 -11.35
CA TYR D 27 -0.90 -8.09 -11.11
C TYR D 27 -0.54 -9.02 -9.97
N CYS D 28 0.68 -8.94 -9.44
CA CYS D 28 1.03 -9.88 -8.37
C CYS D 28 0.37 -9.44 -7.06
N GLY D 29 -0.07 -10.39 -6.25
CA GLY D 29 -0.87 -10.03 -5.08
C GLY D 29 -2.27 -9.58 -5.45
N SER D 30 -2.97 -8.99 -4.49
CA SER D 30 -4.42 -8.84 -4.59
C SER D 30 -4.88 -7.98 -5.78
N GLY D 31 -5.73 -8.56 -6.62
CA GLY D 31 -6.31 -7.87 -7.77
C GLY D 31 -5.31 -7.42 -8.80
N GLY D 32 -5.65 -6.37 -9.53
CA GLY D 32 -4.74 -5.86 -10.53
C GLY D 32 -5.44 -5.20 -11.69
N ARG D 33 -4.75 -4.26 -12.31
CA ARG D 33 -5.31 -3.56 -13.44
C ARG D 33 -4.21 -3.11 -14.35
N GLY D 34 -4.58 -2.79 -15.58
CA GLY D 34 -3.63 -2.30 -16.55
C GLY D 34 -2.96 -3.44 -17.29
N LYS D 35 -1.79 -3.14 -17.84
CA LYS D 35 -1.04 -4.13 -18.60
C LYS D 35 0.04 -4.70 -17.69
N PRO D 36 0.31 -6.00 -17.79
CA PRO D 36 1.42 -6.56 -17.02
C PRO D 36 2.70 -5.83 -17.41
N LYS D 37 3.57 -5.59 -16.43
CA LYS D 37 4.76 -4.76 -16.60
C LYS D 37 5.89 -5.52 -17.29
N ASP D 38 5.92 -6.83 -17.07
CA ASP D 38 6.95 -7.68 -17.65
C ASP D 38 6.52 -9.14 -17.56
N ALA D 39 7.42 -10.05 -17.90
CA ALA D 39 7.10 -11.47 -17.88
C ALA D 39 6.66 -11.99 -16.50
N THR D 40 7.38 -11.60 -15.45
CA THR D 40 7.01 -12.01 -14.10
C THR D 40 5.59 -11.53 -13.78
N ASP D 41 5.32 -10.27 -14.08
CA ASP D 41 3.97 -9.73 -13.85
C ASP D 41 2.91 -10.49 -14.67
N ARG D 42 3.26 -10.87 -15.90
CA ARG D 42 2.34 -11.65 -16.71
C ARG D 42 2.06 -13.03 -16.08
N CYS D 43 3.04 -13.63 -15.40
CA CYS D 43 2.78 -14.86 -14.65
C CYS D 43 1.63 -14.66 -13.67
N CYS D 44 1.64 -13.50 -13.00
CA CYS D 44 0.58 -13.18 -12.04
C CYS D 44 -0.75 -12.90 -12.71
N PHE D 45 -0.72 -12.26 -13.87
CA PHE D 45 -1.93 -12.03 -14.65
C PHE D 45 -2.54 -13.38 -15.02
N VAL D 46 -1.71 -14.31 -15.49
CA VAL D 46 -2.21 -15.65 -15.84
C VAL D 46 -2.75 -16.35 -14.60
N HIS D 47 -2.04 -16.23 -13.49
CA HIS D 47 -2.49 -16.83 -12.23
C HIS D 47 -3.85 -16.28 -11.78
N ASP D 48 -4.02 -14.97 -11.87
CA ASP D 48 -5.30 -14.33 -11.55
C ASP D 48 -6.44 -14.87 -12.41
N CYS D 49 -6.20 -14.93 -13.73
CA CYS D 49 -7.17 -15.47 -14.67
C CYS D 49 -7.52 -16.92 -14.32
N CYS D 50 -6.51 -17.68 -13.93
CA CYS D 50 -6.67 -19.08 -13.52
C CYS D 50 -7.61 -19.16 -12.30
N TYR D 51 -7.36 -18.32 -11.31
CA TYR D 51 -8.20 -18.30 -10.09
C TYR D 51 -9.63 -17.88 -10.37
N GLU D 52 -9.80 -16.92 -11.26
CA GLU D 52 -11.13 -16.42 -11.56
C GLU D 52 -11.99 -17.52 -12.18
N LYS D 53 -11.33 -18.43 -12.86
CA LYS D 53 -11.97 -19.53 -13.55
C LYS D 53 -12.43 -20.64 -12.63
N VAL D 54 -11.79 -20.82 -11.50
CA VAL D 54 -12.20 -21.92 -10.66
C VAL D 54 -13.52 -21.61 -9.97
N THR D 55 -14.34 -22.64 -9.89
CA THR D 55 -15.67 -22.54 -9.33
C THR D 55 -15.90 -23.76 -8.45
N GLY D 56 -16.33 -23.55 -7.22
CA GLY D 56 -16.72 -24.65 -6.35
C GLY D 56 -15.82 -24.83 -5.15
N CYS D 57 -14.74 -24.07 -5.12
CA CYS D 57 -13.85 -24.04 -3.99
C CYS D 57 -13.19 -22.67 -3.95
N ASP D 58 -12.52 -22.38 -2.84
CA ASP D 58 -11.92 -21.06 -2.63
C ASP D 58 -10.42 -21.12 -2.91
N PRO D 59 -9.98 -20.53 -4.02
CA PRO D 59 -8.58 -20.74 -4.37
C PRO D 59 -7.57 -20.07 -3.42
N LYS D 60 -7.98 -19.05 -2.68
CA LYS D 60 -7.07 -18.40 -1.76
C LYS D 60 -7.01 -19.13 -0.42
N TRP D 61 -8.14 -19.67 0.02
CA TRP D 61 -8.26 -20.10 1.40
C TRP D 61 -8.47 -21.60 1.63
N ASP D 62 -8.61 -22.38 0.56
CA ASP D 62 -8.78 -23.83 0.71
C ASP D 62 -7.44 -24.52 0.51
N ASP D 63 -7.07 -25.40 1.44
CA ASP D 63 -5.87 -26.22 1.26
C ASP D 63 -6.11 -27.25 0.16
N TYR D 64 -5.08 -27.50 -0.64
CA TYR D 64 -5.14 -28.61 -1.59
C TYR D 64 -4.07 -29.62 -1.26
N THR D 65 -4.06 -30.70 -2.01
CA THR D 65 -3.12 -31.79 -1.76
C THR D 65 -1.99 -31.73 -2.74
N TYR D 66 -0.77 -31.68 -2.23
CA TYR D 66 0.39 -31.72 -3.11
C TYR D 66 1.59 -32.31 -2.43
N SER D 67 2.58 -32.67 -3.24
CA SER D 67 3.81 -33.24 -2.72
C SER D 67 4.95 -32.87 -3.65
N TRP D 68 6.16 -33.18 -3.20
CA TRP D 68 7.36 -32.97 -3.99
C TRP D 68 7.90 -34.34 -4.40
N LYS D 69 8.19 -34.49 -5.69
CA LYS D 69 8.81 -35.72 -6.19
C LYS D 69 10.02 -35.33 -7.01
N ASP D 70 11.20 -35.74 -6.53
CA ASP D 70 12.50 -35.35 -7.12
C ASP D 70 12.61 -33.83 -7.36
N GLY D 71 12.11 -33.05 -6.41
CA GLY D 71 12.18 -31.58 -6.49
C GLY D 71 11.10 -30.92 -7.32
N ASP D 72 10.19 -31.72 -7.87
CA ASP D 72 9.13 -31.19 -8.72
C ASP D 72 7.79 -31.21 -7.98
N ILE D 73 6.93 -30.23 -8.25
CA ILE D 73 5.64 -30.18 -7.58
C ILE D 73 4.68 -31.18 -8.22
N VAL D 74 4.06 -32.01 -7.40
CA VAL D 74 3.04 -32.93 -7.89
C VAL D 74 1.72 -32.64 -7.21
N CYS D 75 0.73 -32.24 -8.00
CA CYS D 75 -0.60 -31.96 -7.47
C CYS D 75 -1.42 -33.24 -7.38
N GLY D 76 -2.13 -33.40 -6.27
CA GLY D 76 -2.81 -34.65 -6.02
C GLY D 76 -4.21 -34.48 -5.47
N GLY D 77 -4.70 -35.52 -4.79
CA GLY D 77 -6.01 -35.51 -4.18
C GLY D 77 -7.12 -35.89 -5.16
N ASP D 78 -8.32 -36.09 -4.63
CA ASP D 78 -9.44 -36.52 -5.46
C ASP D 78 -10.48 -35.41 -5.68
N ASP D 79 -10.18 -34.20 -5.23
CA ASP D 79 -11.08 -33.07 -5.43
C ASP D 79 -10.58 -32.29 -6.64
N PRO D 80 -11.33 -32.33 -7.76
CA PRO D 80 -10.83 -31.67 -8.97
C PRO D 80 -10.70 -30.16 -8.85
N CYS D 81 -11.57 -29.52 -8.07
CA CYS D 81 -11.50 -28.07 -7.91
C CYS D 81 -10.19 -27.71 -7.23
N LYS D 82 -9.88 -28.41 -6.13
CA LYS D 82 -8.68 -28.11 -5.38
C LYS D 82 -7.42 -28.43 -6.20
N LYS D 83 -7.50 -29.48 -6.99
CA LYS D 83 -6.38 -29.84 -7.85
C LYS D 83 -6.15 -28.77 -8.92
N GLU D 84 -7.24 -28.21 -9.44
CA GLU D 84 -7.14 -27.10 -10.39
C GLU D 84 -6.41 -25.89 -9.76
N VAL D 85 -6.75 -25.57 -8.52
CA VAL D 85 -6.07 -24.49 -7.81
C VAL D 85 -4.58 -24.82 -7.65
N CYS D 86 -4.29 -26.05 -7.24
CA CYS D 86 -2.90 -26.46 -7.08
C CYS D 86 -2.14 -26.30 -8.39
N GLU D 87 -2.74 -26.73 -9.50
CA GLU D 87 -2.10 -26.56 -10.81
C GLU D 87 -1.88 -25.10 -11.18
N CYS D 88 -2.83 -24.21 -10.82
CA CYS D 88 -2.64 -22.76 -11.03
C CYS D 88 -1.38 -22.31 -10.30
N ASP D 89 -1.26 -22.72 -9.03
CA ASP D 89 -0.17 -22.27 -8.17
C ASP D 89 1.18 -22.84 -8.67
N LYS D 90 1.21 -24.14 -8.97
N LYS D 90 1.19 -24.13 -8.98
CA LYS D 90 2.40 -24.76 -9.55
CA LYS D 90 2.39 -24.75 -9.55
C LYS D 90 2.86 -24.05 -10.83
C LYS D 90 2.84 -24.07 -10.83
N ALA D 91 1.91 -23.79 -11.72
CA ALA D 91 2.25 -23.14 -12.99
C ALA D 91 2.85 -21.76 -12.76
N ALA D 92 2.28 -21.03 -11.81
CA ALA D 92 2.80 -19.70 -11.53
C ALA D 92 4.20 -19.74 -10.94
N ALA D 93 4.43 -20.66 -10.00
CA ALA D 93 5.75 -20.79 -9.37
C ALA D 93 6.82 -21.14 -10.41
N ILE D 94 6.46 -22.06 -11.32
CA ILE D 94 7.37 -22.41 -12.42
C ILE D 94 7.61 -21.21 -13.33
N CYS D 95 6.56 -20.45 -13.61
CA CYS D 95 6.68 -19.27 -14.44
C CYS D 95 7.61 -18.23 -13.80
N PHE D 96 7.48 -18.04 -12.50
CA PHE D 96 8.37 -17.11 -11.77
C PHE D 96 9.82 -17.59 -11.93
N ARG D 97 10.03 -18.88 -11.69
CA ARG D 97 11.39 -19.45 -11.84
C ARG D 97 11.95 -19.19 -13.23
N ASP D 98 11.13 -19.45 -14.23
CA ASP D 98 11.58 -19.36 -15.62
C ASP D 98 11.84 -17.94 -16.07
N ASN D 99 11.25 -16.97 -15.36
CA ASN D 99 11.46 -15.58 -15.70
C ASN D 99 12.33 -14.79 -14.74
N LEU D 100 13.11 -15.50 -13.91
CA LEU D 100 14.01 -14.83 -12.96
C LEU D 100 15.02 -13.92 -13.67
N LYS D 101 15.38 -14.28 -14.91
CA LYS D 101 16.34 -13.49 -15.67
C LYS D 101 15.88 -12.06 -15.89
N THR D 102 14.57 -11.85 -15.97
CA THR D 102 14.06 -10.50 -16.20
C THR D 102 13.37 -9.90 -14.99
N TYR D 103 13.40 -10.59 -13.86
CA TYR D 103 12.84 -10.01 -12.62
C TYR D 103 13.55 -8.71 -12.32
N LYS D 104 12.79 -7.65 -12.01
CA LYS D 104 13.40 -6.35 -11.76
C LYS D 104 12.97 -5.76 -10.43
N LYS D 105 13.95 -5.30 -9.67
CA LYS D 105 13.70 -4.64 -8.39
C LYS D 105 12.85 -3.42 -8.57
N ARG D 106 12.94 -2.79 -9.74
CA ARG D 106 12.18 -1.56 -9.98
C ARG D 106 10.65 -1.80 -9.96
N TYR D 107 10.23 -3.06 -10.08
CA TYR D 107 8.82 -3.41 -10.07
C TYR D 107 8.36 -4.11 -8.79
N MET D 108 9.28 -4.35 -7.86
CA MET D 108 8.99 -5.19 -6.71
C MET D 108 7.98 -4.59 -5.72
N ALA D 109 7.80 -3.29 -5.80
CA ALA D 109 6.80 -2.62 -4.97
C ALA D 109 6.11 -1.58 -5.83
N TYR D 110 5.57 -2.03 -6.95
CA TYR D 110 5.09 -1.11 -7.96
C TYR D 110 3.75 -0.54 -7.54
N PRO D 111 3.65 0.80 -7.49
CA PRO D 111 2.42 1.45 -7.04
C PRO D 111 1.26 1.19 -8.00
N ASP D 112 0.15 0.66 -7.48
CA ASP D 112 -1.00 0.34 -8.31
C ASP D 112 -1.51 1.56 -9.10
N ILE D 113 -1.37 2.73 -8.50
CA ILE D 113 -1.87 3.94 -9.12
C ILE D 113 -1.17 4.23 -10.44
N LEU D 114 0.03 3.68 -10.60
CA LEU D 114 0.81 3.89 -11.81
C LEU D 114 0.59 2.84 -12.90
N CYS D 115 -0.30 1.90 -12.64
CA CYS D 115 -0.68 0.95 -13.66
C CYS D 115 -1.55 1.60 -14.72
N SER D 116 -1.54 1.04 -15.92
CA SER D 116 -2.33 1.52 -17.05
C SER D 116 -3.82 1.53 -16.70
N SER D 117 -4.58 2.37 -17.37
CA SER D 117 -6.01 2.45 -17.13
C SER D 117 -6.78 1.32 -17.82
N LYS D 118 -6.29 0.85 -18.96
CA LYS D 118 -6.92 -0.24 -19.72
C LYS D 118 -6.34 -1.60 -19.36
N SER D 119 -7.15 -2.43 -18.70
CA SER D 119 -6.69 -3.73 -18.22
C SER D 119 -6.70 -4.77 -19.32
N GLU D 120 -5.71 -5.66 -19.29
CA GLU D 120 -5.69 -6.75 -20.26
C GLU D 120 -6.77 -7.79 -19.93
N LYS D 121 -7.38 -8.32 -20.98
CA LYS D 121 -8.46 -9.29 -20.83
C LYS D 121 -7.90 -10.71 -20.74
N CYS D 122 -8.55 -11.54 -19.94
CA CYS D 122 -8.15 -12.95 -19.78
C CYS D 122 -8.40 -13.77 -21.04
CA CA E . -10.81 0.33 -8.61
C1 CIT F . -8.25 20.76 -0.02
O1 CIT F . -8.39 21.00 1.20
O2 CIT F . -9.15 20.12 -0.61
C2 CIT F . -7.00 21.27 -0.72
C3 CIT F . -7.03 21.05 -2.22
O7 CIT F . -6.85 19.63 -2.48
C4 CIT F . -5.86 21.82 -2.82
C5 CIT F . -5.69 21.63 -4.31
O3 CIT F . -4.98 22.44 -4.96
O4 CIT F . -6.25 20.68 -4.91
C6 CIT F . -8.37 21.51 -2.82
O5 CIT F . -8.77 22.68 -2.66
O6 CIT F . -9.08 20.69 -3.46
C1 CIT G . -3.40 17.83 -13.86
O1 CIT G . -2.37 18.09 -13.20
O2 CIT G . -3.30 17.43 -15.04
C2 CIT G . -4.77 17.96 -13.24
C3 CIT G . -4.76 18.63 -11.86
O7 CIT G . -4.21 17.70 -10.91
C4 CIT G . -6.21 18.98 -11.56
C5 CIT G . -6.46 19.35 -10.12
O3 CIT G . -7.63 19.65 -9.75
O4 CIT G . -5.53 19.35 -9.28
C6 CIT G . -3.90 19.90 -11.85
O5 CIT G . -4.12 20.85 -12.64
O6 CIT G . -2.94 19.99 -11.04
O1 G3P H . -11.04 5.93 -8.72
C1 G3P H . -11.43 5.52 -7.41
C2 G3P H . -11.51 6.73 -6.49
O2 G3P H . -12.44 6.54 -5.42
C3 G3P H . -10.14 7.05 -5.94
O1P G3P H . -10.21 8.20 -5.10
O4P G3P H . -8.20 8.97 -6.41
O2P G3P H . -10.33 10.35 -6.37
O3P G3P H . -8.79 10.12 -4.28
P G3P H . -9.42 9.52 -5.51
CA CA I . 7.05 -0.51 12.11
C1 GOL J . 5.86 -10.16 11.16
O1 GOL J . 4.72 -10.59 10.44
C2 GOL J . 5.97 -8.63 11.26
O2 GOL J . 6.48 -8.11 10.04
C3 GOL J . 4.59 -8.04 11.50
O3 GOL J . 4.38 -7.67 12.85
CA CA K . 7.48 10.00 4.61
O1 G3P L . 4.87 14.28 1.76
C1 G3P L . 5.48 13.32 0.87
C2 G3P L . 5.21 13.79 -0.55
O2 G3P L . 6.41 13.75 -1.35
C3 G3P L . 4.14 12.92 -1.20
O1P G3P L . 3.83 13.47 -2.49
O4P G3P L . 1.47 13.60 -1.52
O2P G3P L . 2.52 15.64 -2.59
O3P G3P L . 1.83 13.59 -4.04
P G3P L . 2.38 14.14 -2.74
C1 GOL M . 22.16 11.98 2.58
O1 GOL M . 21.99 12.88 1.49
C2 GOL M . 22.62 10.62 2.08
O2 GOL M . 22.61 10.62 0.68
C3 GOL M . 21.63 9.56 2.57
O3 GOL M . 21.94 9.15 3.87
C1 GOL N . 15.59 23.09 2.35
O1 GOL N . 14.78 23.58 1.32
C2 GOL N . 14.85 22.13 3.27
O2 GOL N . 15.05 20.80 2.88
C3 GOL N . 15.35 22.36 4.68
O3 GOL N . 14.35 23.02 5.44
CA CA O . -3.43 -10.13 -8.73
#